data_3WY6
#
_entry.id   3WY6
#
_cell.length_a   58.030
_cell.length_b   118.865
_cell.length_c   46.873
_cell.angle_alpha   90.000
_cell.angle_beta   90.000
_cell.angle_gamma   90.000
#
_symmetry.space_group_name_H-M   'P 21 21 2'
#
loop_
_entity.id
_entity.type
_entity.pdbx_description
1 polymer 'Endoglucanase A'
2 branched beta-D-glucopyranose-(1-3)-beta-D-glucopyranose
3 non-polymer 'CALCIUM ION'
4 non-polymer '2-[N-CYCLOHEXYLAMINO]ETHANE SULFONIC ACID'
5 non-polymer beta-D-glucopyranose
6 non-polymer GLYCEROL
7 water water
#
_entity_poly.entity_id   1
_entity_poly.type   'polypeptide(L)'
_entity_poly.pdbx_seq_one_letter_code
;MSKKKFVIVSILTILLVQAIYFVEKYHTSEDKSTSNTSSTPPQTTLSTTKVLKIRYPDDGEWPGAPIDKDGDGNPEFYIE
INLWNILNATGFAEMTYNLTSGVLHYVQQLDNIVLRDRSNWVHGYPEIFYGNKPWNANYATDGPIPLPSKVSNLTDFYLT
ISYKLEPKNGLPINFAIESWLTREAWRTTGINSDEQAVMIWIYYDGLQPAGSKVKEIVVPIIVNGTPVNATFEVWKANIG
WEYVAFRIKTPIKEGTVTIPYGAFISVAANISSLPNYTELYLEDVEIGTEFGTPSTTSAHLEWWITNITLTPLDRPLIS
;
_entity_poly.pdbx_strand_id   A
#
# COMPACT_ATOMS: atom_id res chain seq x y z
N LYS A 50 9.87 15.73 18.07
CA LYS A 50 9.04 16.26 16.94
C LYS A 50 9.36 15.66 15.61
N VAL A 51 10.42 14.87 15.49
CA VAL A 51 10.70 14.08 14.25
C VAL A 51 10.87 12.61 14.64
N LEU A 52 10.15 11.72 13.97
CA LEU A 52 10.30 10.32 14.17
C LEU A 52 11.20 9.85 13.04
N LYS A 53 12.14 8.98 13.34
CA LYS A 53 13.01 8.48 12.28
C LYS A 53 13.20 6.98 12.46
N ILE A 54 13.17 6.22 11.38
CA ILE A 54 13.53 4.78 11.42
C ILE A 54 14.50 4.52 10.28
N ARG A 55 15.42 3.57 10.44
CA ARG A 55 16.46 3.47 9.46
C ARG A 55 16.88 2.00 9.37
N TYR A 56 17.04 1.56 8.14
CA TYR A 56 17.58 0.22 7.81
C TYR A 56 19.04 0.46 7.32
N PRO A 57 20.02 -0.34 7.76
CA PRO A 57 19.96 -1.50 8.62
C PRO A 57 20.17 -1.19 10.11
N ASP A 58 20.35 0.09 10.47
CA ASP A 58 20.71 0.47 11.86
C ASP A 58 19.72 -0.04 12.87
N ASP A 59 18.44 0.03 12.54
CA ASP A 59 17.41 -0.37 13.50
C ASP A 59 17.06 -1.85 13.28
N GLY A 60 17.88 -2.60 12.57
CA GLY A 60 17.56 -4.04 12.35
C GLY A 60 17.03 -4.28 10.93
N GLU A 61 16.57 -5.50 10.68
CA GLU A 61 16.21 -5.79 9.28
C GLU A 61 14.76 -5.43 9.06
N TRP A 62 14.05 -5.05 10.14
CA TRP A 62 12.60 -4.74 10.05
C TRP A 62 12.19 -3.47 10.77
N PRO A 63 12.78 -2.32 10.36
CA PRO A 63 12.47 -1.11 11.13
C PRO A 63 11.01 -0.71 10.94
N GLY A 64 10.38 -0.17 11.99
CA GLY A 64 9.00 0.28 11.88
C GLY A 64 8.69 1.06 13.14
N ALA A 65 7.68 1.93 13.07
CA ALA A 65 7.31 2.73 14.25
C ALA A 65 5.90 3.27 14.10
N PRO A 66 5.19 3.44 15.24
CA PRO A 66 3.89 4.09 15.20
C PRO A 66 3.96 5.61 15.07
N ILE A 67 2.95 6.19 14.40
CA ILE A 67 2.77 7.65 14.39
C ILE A 67 1.62 7.88 15.33
N ASP A 68 1.92 8.50 16.49
CA ASP A 68 0.91 8.66 17.54
C ASP A 68 1.02 10.10 18.03
N LYS A 69 0.39 11.04 17.30
CA LYS A 69 0.69 12.45 17.52
C LYS A 69 0.15 12.97 18.86
N ASP A 70 -0.95 12.40 19.32
CA ASP A 70 -1.55 12.81 20.62
C ASP A 70 -0.96 11.97 21.75
N GLY A 71 -0.02 11.06 21.46
CA GLY A 71 0.59 10.23 22.51
C GLY A 71 -0.42 9.40 23.32
N ASP A 72 -1.52 8.96 22.71
CA ASP A 72 -2.57 8.25 23.48
C ASP A 72 -2.48 6.72 23.40
N GLY A 73 -1.41 6.21 22.77
CA GLY A 73 -1.19 4.76 22.73
C GLY A 73 -1.94 4.02 21.61
N ASN A 74 -2.70 4.78 20.75
CA ASN A 74 -3.42 4.21 19.58
C ASN A 74 -2.87 5.02 18.38
N PRO A 75 -2.01 4.39 17.59
CA PRO A 75 -1.34 5.20 16.49
C PRO A 75 -2.43 5.65 15.45
N GLU A 76 -2.25 6.84 14.88
CA GLU A 76 -3.02 7.22 13.73
C GLU A 76 -2.58 6.48 12.44
N PHE A 77 -1.27 6.20 12.29
CA PHE A 77 -0.74 5.45 11.14
C PHE A 77 0.46 4.70 11.69
N TYR A 78 0.99 3.77 10.93
CA TYR A 78 2.18 3.03 11.36
C TYR A 78 3.11 2.99 10.11
N ILE A 79 4.40 3.18 10.27
CA ILE A 79 5.33 3.15 9.17
C ILE A 79 6.29 1.98 9.27
N GLU A 80 6.63 1.41 8.09
CA GLU A 80 7.59 0.29 8.04
C GLU A 80 8.46 0.46 6.82
N ILE A 81 9.76 0.27 7.00
CA ILE A 81 10.68 0.29 5.83
C ILE A 81 10.43 -0.95 4.99
N ASN A 82 10.17 -2.15 5.60
CA ASN A 82 9.55 -3.29 4.90
C ASN A 82 10.29 -3.74 3.65
N LEU A 83 11.63 -3.94 3.77
CA LEU A 83 12.44 -4.47 2.68
C LEU A 83 12.32 -6.01 2.77
N TRP A 84 11.08 -6.48 2.56
CA TRP A 84 10.70 -7.87 2.89
C TRP A 84 11.42 -8.92 2.07
N ASN A 85 11.92 -8.55 0.88
CA ASN A 85 12.56 -9.56 -0.02
C ASN A 85 14.05 -9.24 -0.20
N ILE A 86 14.61 -8.39 0.68
CA ILE A 86 16.07 -8.13 0.58
C ILE A 86 16.75 -8.96 1.68
N LEU A 87 17.72 -9.79 1.22
CA LEU A 87 18.56 -10.53 2.16
C LEU A 87 19.72 -9.72 2.63
N ASN A 88 20.36 -9.01 1.70
CA ASN A 88 21.53 -8.20 2.06
C ASN A 88 21.63 -7.10 1.07
N ALA A 89 22.06 -5.92 1.52
CA ALA A 89 22.38 -4.81 0.60
C ALA A 89 23.39 -3.89 1.30
N THR A 90 24.15 -3.12 0.52
CA THR A 90 24.95 -2.00 1.12
C THR A 90 24.09 -0.75 1.01
N GLY A 91 24.44 0.28 1.79
CA GLY A 91 23.69 1.49 1.83
C GLY A 91 22.64 1.46 2.91
N PHE A 92 21.56 2.25 2.74
CA PHE A 92 20.61 2.46 3.83
C PHE A 92 19.23 2.78 3.25
N ALA A 93 18.22 2.75 4.12
CA ALA A 93 16.93 3.34 3.73
C ALA A 93 16.44 3.97 5.03
N GLU A 94 15.78 5.13 4.92
CA GLU A 94 15.42 5.85 6.15
C GLU A 94 14.10 6.50 5.91
N MET A 95 13.22 6.49 6.91
N MET A 95 13.25 6.54 6.94
CA MET A 95 11.93 7.13 6.79
CA MET A 95 12.03 7.35 6.92
C MET A 95 11.76 8.05 7.95
C MET A 95 12.14 8.40 7.98
N THR A 96 11.43 9.30 7.62
N THR A 96 11.64 9.60 7.70
CA THR A 96 11.33 10.34 8.64
CA THR A 96 11.44 10.54 8.79
C THR A 96 9.90 10.90 8.62
C THR A 96 10.05 11.14 8.66
N TYR A 97 9.35 11.24 9.78
CA TYR A 97 8.05 11.85 9.81
C TYR A 97 8.17 13.04 10.68
N ASN A 98 7.90 14.20 10.14
CA ASN A 98 7.96 15.35 10.99
C ASN A 98 6.59 15.60 11.61
N LEU A 99 6.46 15.49 12.94
CA LEU A 99 5.12 15.56 13.53
C LEU A 99 4.52 17.00 13.55
N THR A 100 5.34 18.02 13.36
CA THR A 100 4.76 19.35 13.24
C THR A 100 4.22 19.62 11.82
N SER A 101 5.08 19.41 10.80
CA SER A 101 4.63 19.62 9.35
C SER A 101 3.76 18.51 8.79
N GLY A 102 3.85 17.34 9.40
CA GLY A 102 3.06 16.22 8.87
C GLY A 102 3.66 15.60 7.62
N VAL A 103 4.90 15.88 7.32
CA VAL A 103 5.52 15.32 6.10
C VAL A 103 6.25 14.04 6.42
N LEU A 104 5.96 13.01 5.64
CA LEU A 104 6.64 11.70 5.70
C LEU A 104 7.62 11.70 4.50
N HIS A 105 8.89 11.43 4.76
CA HIS A 105 9.93 11.52 3.75
C HIS A 105 10.70 10.19 3.78
N TYR A 106 10.73 9.48 2.65
CA TYR A 106 11.47 8.21 2.56
C TYR A 106 12.69 8.44 1.65
N VAL A 107 13.88 7.99 2.10
CA VAL A 107 15.09 8.14 1.33
C VAL A 107 15.71 6.77 1.29
N GLN A 108 15.99 6.26 0.09
CA GLN A 108 16.54 4.92 -0.02
C GLN A 108 17.73 4.97 -0.95
N GLN A 109 18.84 4.38 -0.51
CA GLN A 109 20.07 4.30 -1.37
C GLN A 109 20.70 2.96 -1.11
N LEU A 110 20.24 1.96 -1.88
CA LEU A 110 20.70 0.61 -1.64
C LEU A 110 21.44 0.09 -2.85
N ASP A 111 22.54 -0.64 -2.59
CA ASP A 111 23.31 -1.22 -3.66
C ASP A 111 23.70 -2.65 -3.29
N ASN A 112 24.36 -3.36 -4.21
CA ASN A 112 24.79 -4.75 -3.89
C ASN A 112 23.57 -5.59 -3.39
N ILE A 113 22.39 -5.33 -3.95
CA ILE A 113 21.17 -6.03 -3.45
C ILE A 113 21.17 -7.52 -3.81
N VAL A 114 20.92 -8.33 -2.80
CA VAL A 114 20.73 -9.78 -2.94
C VAL A 114 19.36 -10.06 -2.33
N LEU A 115 18.50 -10.73 -3.10
CA LEU A 115 17.12 -10.93 -2.65
C LEU A 115 17.02 -12.20 -1.81
N ARG A 116 16.00 -12.25 -0.98
CA ARG A 116 15.67 -13.50 -0.23
C ARG A 116 15.17 -14.59 -1.21
N ASP A 117 14.26 -14.25 -2.14
CA ASP A 117 13.74 -15.20 -3.13
C ASP A 117 13.41 -14.41 -4.36
N ARG A 118 14.23 -14.64 -5.41
CA ARG A 118 14.05 -13.99 -6.69
C ARG A 118 12.63 -14.20 -7.29
N SER A 119 11.99 -15.34 -7.01
CA SER A 119 10.69 -15.59 -7.63
C SER A 119 9.61 -14.64 -7.05
N ASN A 120 9.92 -13.92 -5.93
CA ASN A 120 8.93 -12.98 -5.39
C ASN A 120 9.00 -11.64 -6.09
N TRP A 121 10.05 -11.52 -6.93
CA TRP A 121 10.16 -10.44 -7.94
C TRP A 121 10.55 -9.05 -7.40
N VAL A 122 9.65 -8.39 -6.67
CA VAL A 122 9.99 -7.09 -6.11
C VAL A 122 10.88 -7.24 -4.85
N HIS A 123 11.45 -6.13 -4.43
CA HIS A 123 12.38 -6.18 -3.31
C HIS A 123 11.77 -5.87 -1.96
N GLY A 124 10.72 -5.06 -1.94
CA GLY A 124 10.20 -4.60 -0.67
C GLY A 124 9.06 -3.62 -0.96
N TYR A 125 8.45 -3.13 0.10
CA TYR A 125 7.28 -2.22 0.00
C TYR A 125 7.33 -1.27 1.25
N PRO A 126 8.26 -0.31 1.20
CA PRO A 126 8.30 0.75 2.25
C PRO A 126 6.96 1.47 2.20
N GLU A 127 6.40 1.72 3.39
CA GLU A 127 4.98 2.11 3.45
C GLU A 127 4.54 2.75 4.70
N ILE A 128 3.32 3.29 4.64
CA ILE A 128 2.61 3.82 5.82
C ILE A 128 1.24 3.17 5.73
N PHE A 129 0.68 2.83 6.89
CA PHE A 129 -0.64 2.15 6.79
C PHE A 129 -1.57 2.60 7.92
N TYR A 130 -2.86 2.35 7.71
CA TYR A 130 -3.89 2.56 8.69
C TYR A 130 -4.62 1.21 8.85
N GLY A 131 -4.94 0.86 10.08
CA GLY A 131 -5.69 -0.35 10.37
C GLY A 131 -4.73 -1.41 10.95
N ASN A 132 -5.08 -2.69 10.80
CA ASN A 132 -4.28 -3.79 11.32
C ASN A 132 -3.54 -4.50 10.14
N LYS A 133 -2.23 -4.37 10.08
CA LYS A 133 -1.46 -5.11 9.08
C LYS A 133 -1.41 -6.61 9.50
N PRO A 134 -1.86 -7.50 8.62
CA PRO A 134 -2.07 -8.86 9.14
C PRO A 134 -0.87 -9.74 9.08
N TRP A 135 0.28 -9.19 8.70
CA TRP A 135 1.53 -9.93 8.70
C TRP A 135 2.30 -9.82 10.00
N ASN A 136 1.89 -8.92 10.91
CA ASN A 136 2.68 -8.69 12.12
C ASN A 136 1.78 -8.08 13.16
N ALA A 137 2.38 -7.75 14.29
CA ALA A 137 1.66 -7.17 15.43
C ALA A 137 1.52 -5.64 15.37
N ASN A 138 1.75 -5.01 14.21
CA ASN A 138 1.65 -3.58 14.08
C ASN A 138 0.27 -3.15 13.63
N TYR A 139 -0.19 -2.02 14.22
CA TYR A 139 -1.56 -1.58 13.89
C TYR A 139 -1.66 -0.05 14.12
N ALA A 140 -2.71 0.57 13.61
CA ALA A 140 -2.98 1.98 13.81
C ALA A 140 -4.47 2.04 13.69
N THR A 141 -5.18 2.42 14.76
CA THR A 141 -6.65 2.47 14.64
C THR A 141 -7.26 3.77 15.12
N ASP A 142 -6.43 4.82 15.26
CA ASP A 142 -6.97 6.13 15.70
C ASP A 142 -7.32 6.91 14.43
N GLY A 143 -8.52 6.69 13.92
CA GLY A 143 -9.01 7.30 12.67
C GLY A 143 -10.50 7.12 12.54
N PRO A 144 -11.09 7.73 11.48
CA PRO A 144 -12.54 7.74 11.42
C PRO A 144 -13.12 6.43 10.86
N ILE A 145 -12.31 5.61 10.16
CA ILE A 145 -12.90 4.41 9.55
C ILE A 145 -12.55 3.23 10.52
N PRO A 146 -13.54 2.44 10.95
CA PRO A 146 -13.27 1.34 11.88
C PRO A 146 -12.70 0.14 11.17
N LEU A 147 -11.40 0.13 10.89
CA LEU A 147 -10.69 -1.06 10.38
C LEU A 147 -9.94 -1.71 11.56
N PRO A 148 -9.99 -3.05 11.64
CA PRO A 148 -10.69 -3.93 10.67
C PRO A 148 -12.18 -3.98 10.87
N SER A 149 -12.92 -4.24 9.78
CA SER A 149 -14.38 -4.46 9.91
C SER A 149 -14.74 -5.42 8.76
N LYS A 150 -15.81 -6.20 8.94
CA LYS A 150 -16.31 -7.01 7.87
C LYS A 150 -16.70 -6.19 6.66
N VAL A 151 -16.46 -6.70 5.45
CA VAL A 151 -16.77 -5.87 4.25
C VAL A 151 -18.27 -5.64 4.15
N SER A 152 -19.09 -6.59 4.64
N SER A 152 -19.13 -6.58 4.56
CA SER A 152 -20.56 -6.45 4.64
CA SER A 152 -20.57 -6.31 4.49
C SER A 152 -21.10 -5.43 5.59
C SER A 152 -21.06 -5.23 5.45
N ASN A 153 -20.24 -4.92 6.46
CA ASN A 153 -20.65 -3.94 7.53
C ASN A 153 -19.97 -2.58 7.33
N LEU A 154 -18.98 -2.47 6.49
CA LEU A 154 -18.28 -1.22 6.32
C LEU A 154 -18.96 -0.22 5.40
N THR A 155 -18.94 1.04 5.77
N THR A 155 -18.80 1.03 5.77
CA THR A 155 -19.35 2.11 4.79
CA THR A 155 -19.12 2.18 4.90
C THR A 155 -18.21 2.33 3.79
C THR A 155 -18.15 2.22 3.71
N ASP A 156 -18.57 2.82 2.61
CA ASP A 156 -17.62 3.27 1.61
C ASP A 156 -16.84 4.47 2.16
N PHE A 157 -15.67 4.77 1.58
CA PHE A 157 -14.93 5.98 2.03
C PHE A 157 -14.07 6.41 0.87
N TYR A 158 -13.75 7.68 0.87
CA TYR A 158 -12.73 8.21 -0.06
C TYR A 158 -11.37 8.13 0.59
N LEU A 159 -10.38 7.79 -0.22
CA LEU A 159 -8.99 7.88 0.26
C LEU A 159 -8.25 8.95 -0.50
N THR A 160 -7.74 10.00 0.16
CA THR A 160 -7.04 11.08 -0.53
C THR A 160 -5.58 11.05 -0.09
N ILE A 161 -4.68 11.11 -1.05
CA ILE A 161 -3.23 11.06 -0.71
C ILE A 161 -2.54 12.26 -1.44
N SER A 162 -1.70 13.04 -0.74
CA SER A 162 -0.90 14.08 -1.44
C SER A 162 0.51 13.59 -1.36
N TYR A 163 1.23 13.51 -2.48
CA TYR A 163 2.56 12.88 -2.46
C TYR A 163 3.43 13.34 -3.61
N LYS A 164 4.68 12.88 -3.62
CA LYS A 164 5.58 13.10 -4.73
C LYS A 164 6.52 11.92 -4.74
N LEU A 165 6.76 11.36 -5.97
CA LEU A 165 7.63 10.22 -6.11
C LEU A 165 8.88 10.65 -6.89
N GLU A 166 10.06 10.16 -6.48
CA GLU A 166 11.33 10.39 -7.22
C GLU A 166 12.17 9.08 -7.27
N PRO A 167 11.76 8.08 -8.06
CA PRO A 167 12.68 6.93 -8.30
C PRO A 167 13.89 7.45 -9.09
N LYS A 168 15.07 6.87 -8.82
CA LYS A 168 16.31 7.38 -9.45
C LYS A 168 16.76 6.39 -10.51
N ASN A 169 17.31 6.92 -11.59
CA ASN A 169 17.95 6.10 -12.65
C ASN A 169 17.12 4.94 -13.32
N GLY A 170 15.82 5.11 -13.53
CA GLY A 170 15.03 4.05 -14.19
C GLY A 170 14.58 2.90 -13.25
N LEU A 171 14.68 3.08 -11.93
CA LEU A 171 14.28 2.01 -10.96
C LEU A 171 12.81 1.62 -11.22
N PRO A 172 12.54 0.31 -11.45
CA PRO A 172 11.11 -0.08 -11.53
C PRO A 172 10.40 0.10 -10.21
N ILE A 173 9.25 0.77 -10.20
CA ILE A 173 8.53 1.04 -8.96
C ILE A 173 7.03 1.11 -9.26
N ASN A 174 6.25 0.99 -8.21
CA ASN A 174 4.90 1.52 -8.27
C ASN A 174 4.62 2.36 -7.04
N PHE A 175 3.47 3.02 -7.04
CA PHE A 175 2.99 3.60 -5.80
C PHE A 175 1.63 2.94 -5.69
N ALA A 176 1.45 2.12 -4.69
CA ALA A 176 0.32 1.23 -4.57
C ALA A 176 -0.31 1.32 -3.19
N ILE A 177 -1.62 1.26 -3.21
CA ILE A 177 -2.43 1.20 -2.01
C ILE A 177 -2.83 -0.28 -1.91
N GLU A 178 -2.66 -0.87 -0.74
CA GLU A 178 -2.98 -2.34 -0.59
C GLU A 178 -3.86 -2.55 0.59
N SER A 179 -4.81 -3.49 0.44
CA SER A 179 -5.62 -3.98 1.54
C SER A 179 -5.63 -5.50 1.58
N TRP A 180 -5.64 -6.08 2.78
CA TRP A 180 -5.74 -7.50 2.95
C TRP A 180 -7.14 -7.76 3.50
N LEU A 181 -7.75 -8.85 3.03
CA LEU A 181 -9.11 -9.27 3.42
C LEU A 181 -8.98 -10.72 3.97
N THR A 182 -9.24 -10.81 5.29
CA THR A 182 -8.99 -12.08 6.03
C THR A 182 -10.26 -12.63 6.62
N ARG A 183 -10.19 -13.90 7.01
CA ARG A 183 -11.37 -14.57 7.54
C ARG A 183 -11.61 -14.19 8.98
N GLU A 184 -10.54 -13.77 9.71
CA GLU A 184 -10.71 -13.39 11.13
C GLU A 184 -10.58 -11.88 11.26
N ALA A 185 -11.09 -11.35 12.36
CA ALA A 185 -11.15 -9.91 12.47
C ALA A 185 -9.75 -9.32 12.68
N TRP A 186 -8.90 -9.91 13.54
CA TRP A 186 -7.61 -9.30 13.90
C TRP A 186 -6.48 -10.32 13.65
N ARG A 187 -6.13 -10.48 12.39
CA ARG A 187 -5.11 -11.44 12.02
C ARG A 187 -3.71 -10.85 12.18
N THR A 188 -2.73 -11.61 12.71
CA THR A 188 -1.40 -11.03 12.87
C THR A 188 -0.30 -11.99 12.41
N THR A 189 -0.71 -13.17 11.88
CA THR A 189 0.26 -14.21 11.55
C THR A 189 0.35 -14.54 10.09
N GLY A 190 -0.14 -13.66 9.22
CA GLY A 190 -0.03 -13.98 7.76
C GLY A 190 -1.37 -14.24 7.09
N ILE A 191 -1.31 -14.83 5.89
CA ILE A 191 -2.45 -14.87 5.00
C ILE A 191 -2.59 -16.29 4.42
N ASN A 192 -3.86 -16.74 4.33
CA ASN A 192 -4.23 -18.09 3.81
C ASN A 192 -4.73 -18.07 2.38
N SER A 193 -4.83 -19.28 1.83
CA SER A 193 -5.21 -19.43 0.40
C SER A 193 -6.66 -19.02 0.08
N ASP A 194 -7.52 -18.87 1.10
CA ASP A 194 -8.94 -18.50 0.89
C ASP A 194 -9.15 -17.02 1.29
N GLU A 195 -8.07 -16.23 1.15
CA GLU A 195 -8.11 -14.82 1.48
C GLU A 195 -7.57 -13.97 0.31
N GLN A 196 -7.64 -12.65 0.44
CA GLN A 196 -7.39 -11.79 -0.72
C GLN A 196 -6.49 -10.60 -0.40
N ALA A 197 -5.61 -10.26 -1.34
CA ALA A 197 -4.91 -8.97 -1.35
C ALA A 197 -5.56 -8.15 -2.48
N VAL A 198 -5.83 -6.85 -2.22
CA VAL A 198 -6.25 -5.98 -3.30
C VAL A 198 -5.19 -4.91 -3.36
N MET A 199 -4.71 -4.59 -4.56
CA MET A 199 -3.79 -3.46 -4.68
C MET A 199 -4.38 -2.49 -5.67
N ILE A 200 -4.07 -1.22 -5.52
CA ILE A 200 -4.50 -0.11 -6.40
C ILE A 200 -3.27 0.71 -6.73
N TRP A 201 -2.80 0.60 -7.97
CA TRP A 201 -1.55 1.28 -8.33
C TRP A 201 -1.93 2.56 -9.01
N ILE A 202 -1.50 3.68 -8.42
CA ILE A 202 -1.79 5.00 -9.06
C ILE A 202 -0.56 5.61 -9.71
N TYR A 203 0.59 4.95 -9.58
CA TYR A 203 1.77 5.23 -10.36
C TYR A 203 2.47 3.92 -10.60
N TYR A 204 3.11 3.76 -11.76
N TYR A 204 3.14 3.77 -11.75
CA TYR A 204 4.07 2.70 -11.92
CA TYR A 204 4.12 2.70 -11.91
C TYR A 204 5.07 3.08 -13.00
C TYR A 204 5.03 3.00 -13.06
N ASP A 205 6.21 2.41 -12.99
CA ASP A 205 7.17 2.50 -14.12
C ASP A 205 7.94 1.23 -14.11
N GLY A 206 7.83 0.46 -15.18
CA GLY A 206 8.67 -0.73 -15.33
C GLY A 206 8.20 -1.97 -14.52
N LEU A 207 6.99 -1.95 -13.93
CA LEU A 207 6.49 -3.10 -13.15
C LEU A 207 5.10 -3.44 -13.70
N GLN A 208 4.81 -4.74 -13.77
CA GLN A 208 3.49 -5.29 -14.20
C GLN A 208 2.94 -5.99 -12.94
N PRO A 209 1.63 -5.94 -12.73
CA PRO A 209 1.08 -6.68 -11.56
C PRO A 209 1.27 -8.20 -11.78
N ALA A 210 1.12 -8.97 -10.73
CA ALA A 210 1.18 -10.45 -10.85
C ALA A 210 -0.07 -11.02 -11.64
N GLY A 211 0.08 -12.17 -12.23
CA GLY A 211 -1.07 -12.85 -12.83
C GLY A 211 -1.35 -12.41 -14.28
N SER A 212 -2.62 -12.33 -14.60
CA SER A 212 -3.15 -12.12 -15.96
C SER A 212 -4.06 -10.94 -15.92
N LYS A 213 -4.10 -10.20 -17.02
N LYS A 213 -4.18 -10.27 -17.05
CA LYS A 213 -5.06 -9.13 -17.20
CA LYS A 213 -5.05 -9.12 -17.16
C LYS A 213 -6.44 -9.78 -17.28
C LYS A 213 -6.49 -9.55 -17.50
N VAL A 214 -7.40 -9.16 -16.61
CA VAL A 214 -8.85 -9.62 -16.67
C VAL A 214 -9.61 -8.64 -17.54
N LYS A 215 -9.55 -7.34 -17.23
CA LYS A 215 -10.40 -6.33 -17.90
C LYS A 215 -9.89 -4.94 -17.63
N GLU A 216 -10.56 -3.96 -18.22
CA GLU A 216 -10.44 -2.60 -17.84
C GLU A 216 -11.75 -2.12 -17.22
N ILE A 217 -11.62 -1.25 -16.22
CA ILE A 217 -12.78 -0.59 -15.57
C ILE A 217 -12.62 0.93 -15.58
N VAL A 218 -13.76 1.62 -15.51
CA VAL A 218 -13.71 3.03 -15.30
C VAL A 218 -13.93 3.24 -13.79
N VAL A 219 -13.19 4.21 -13.22
CA VAL A 219 -13.42 4.63 -11.82
C VAL A 219 -13.33 6.18 -11.79
N PRO A 220 -14.34 6.87 -11.23
CA PRO A 220 -14.29 8.32 -11.11
C PRO A 220 -13.33 8.64 -9.92
N ILE A 221 -12.33 9.49 -10.19
CA ILE A 221 -11.36 9.82 -9.17
C ILE A 221 -11.21 11.31 -9.21
N ILE A 222 -10.41 11.86 -8.30
CA ILE A 222 -10.12 13.30 -8.41
C ILE A 222 -8.62 13.39 -8.48
N VAL A 223 -8.13 14.19 -9.43
CA VAL A 223 -6.66 14.37 -9.57
C VAL A 223 -6.38 15.85 -9.60
N ASN A 224 -5.61 16.25 -8.62
CA ASN A 224 -5.24 17.66 -8.53
C ASN A 224 -6.48 18.57 -8.53
N GLY A 225 -7.53 18.19 -7.79
CA GLY A 225 -8.68 19.04 -7.58
C GLY A 225 -9.73 18.81 -8.67
N THR A 226 -9.40 18.11 -9.76
CA THR A 226 -10.37 17.96 -10.87
C THR A 226 -10.97 16.51 -10.92
N PRO A 227 -12.27 16.40 -10.71
CA PRO A 227 -12.91 15.05 -10.94
C PRO A 227 -12.72 14.56 -12.39
N VAL A 228 -12.28 13.31 -12.57
CA VAL A 228 -12.01 12.73 -13.88
C VAL A 228 -12.39 11.27 -13.85
N ASN A 229 -12.85 10.82 -14.99
CA ASN A 229 -13.00 9.39 -15.20
C ASN A 229 -11.66 8.78 -15.58
N ALA A 230 -11.18 7.84 -14.76
CA ALA A 230 -9.87 7.21 -15.06
C ALA A 230 -10.10 5.73 -15.40
N THR A 231 -9.15 5.18 -16.10
CA THR A 231 -9.21 3.78 -16.45
C THR A 231 -8.22 2.98 -15.60
N PHE A 232 -8.67 1.84 -15.08
CA PHE A 232 -7.77 0.94 -14.38
C PHE A 232 -7.79 -0.42 -15.03
N GLU A 233 -6.62 -0.98 -15.36
CA GLU A 233 -6.57 -2.45 -15.68
C GLU A 233 -6.80 -3.25 -14.42
N VAL A 234 -7.53 -4.36 -14.54
CA VAL A 234 -7.73 -5.32 -13.44
C VAL A 234 -6.94 -6.55 -13.74
N TRP A 235 -6.08 -6.95 -12.81
CA TRP A 235 -5.21 -8.12 -12.95
C TRP A 235 -5.56 -9.09 -11.82
N LYS A 236 -5.50 -10.40 -12.06
CA LYS A 236 -5.81 -11.44 -11.05
C LYS A 236 -4.76 -12.49 -11.04
N ALA A 237 -4.33 -12.86 -9.83
CA ALA A 237 -3.34 -13.94 -9.72
C ALA A 237 -3.66 -14.78 -8.47
N ASN A 238 -3.02 -15.94 -8.41
CA ASN A 238 -3.07 -16.82 -7.23
C ASN A 238 -1.68 -17.12 -6.79
N ILE A 239 -1.28 -16.53 -5.68
CA ILE A 239 0.14 -16.48 -5.28
C ILE A 239 0.28 -16.95 -3.85
N GLY A 240 -0.61 -17.87 -3.42
CA GLY A 240 -0.67 -18.27 -1.97
C GLY A 240 -1.96 -17.73 -1.35
N TRP A 241 -2.54 -16.73 -2.02
CA TRP A 241 -3.84 -16.14 -1.71
C TRP A 241 -4.31 -15.55 -3.03
N GLU A 242 -5.56 -15.11 -3.11
CA GLU A 242 -6.02 -14.49 -4.35
C GLU A 242 -5.48 -13.03 -4.34
N TYR A 243 -4.96 -12.57 -5.47
CA TYR A 243 -4.45 -11.19 -5.62
C TYR A 243 -5.20 -10.51 -6.72
N VAL A 244 -5.75 -9.34 -6.44
CA VAL A 244 -6.40 -8.57 -7.50
C VAL A 244 -5.72 -7.19 -7.48
N ALA A 245 -5.17 -6.77 -8.61
CA ALA A 245 -4.56 -5.44 -8.67
C ALA A 245 -5.27 -4.57 -9.72
N PHE A 246 -5.41 -3.28 -9.39
CA PHE A 246 -5.97 -2.31 -10.28
C PHE A 246 -4.87 -1.34 -10.69
N ARG A 247 -4.49 -1.35 -11.97
CA ARG A 247 -3.36 -0.53 -12.32
C ARG A 247 -3.80 0.61 -13.26
N ILE A 248 -3.69 1.84 -12.76
CA ILE A 248 -4.14 2.96 -13.57
C ILE A 248 -3.49 2.96 -14.94
N LYS A 249 -4.24 3.36 -15.99
CA LYS A 249 -3.59 3.41 -17.33
C LYS A 249 -2.74 4.70 -17.55
N THR A 250 -2.96 5.74 -16.68
CA THR A 250 -2.28 7.08 -16.78
C THR A 250 -1.68 7.33 -15.44
N PRO A 251 -0.45 6.86 -15.22
CA PRO A 251 0.22 6.95 -13.91
C PRO A 251 0.41 8.39 -13.47
N ILE A 252 0.31 8.64 -12.15
CA ILE A 252 0.32 10.00 -11.62
C ILE A 252 1.54 10.02 -10.67
N LYS A 253 2.61 10.76 -11.07
CA LYS A 253 3.87 10.67 -10.32
C LYS A 253 3.89 11.53 -9.07
N GLU A 254 3.03 12.56 -9.03
CA GLU A 254 2.96 13.47 -7.88
C GLU A 254 1.65 14.18 -7.97
N GLY A 255 1.19 14.66 -6.83
CA GLY A 255 0.01 15.51 -6.76
C GLY A 255 -0.91 15.07 -5.66
N THR A 256 -2.20 15.36 -5.78
CA THR A 256 -3.20 14.99 -4.77
C THR A 256 -4.25 14.13 -5.50
N VAL A 257 -4.46 12.87 -5.05
CA VAL A 257 -5.41 11.96 -5.76
C VAL A 257 -6.38 11.48 -4.69
N THR A 258 -7.66 11.51 -5.05
CA THR A 258 -8.75 10.92 -4.25
C THR A 258 -9.37 9.75 -5.02
N ILE A 259 -9.55 8.59 -4.35
CA ILE A 259 -10.21 7.46 -4.99
C ILE A 259 -11.35 6.99 -4.08
N PRO A 260 -12.42 6.46 -4.71
CA PRO A 260 -13.54 5.89 -3.92
C PRO A 260 -13.21 4.41 -3.63
N TYR A 261 -12.99 4.02 -2.40
CA TYR A 261 -12.45 2.65 -2.12
C TYR A 261 -13.41 1.57 -2.53
N GLY A 262 -14.70 1.82 -2.37
CA GLY A 262 -15.69 0.77 -2.64
C GLY A 262 -15.79 0.43 -4.15
N ALA A 263 -15.34 1.34 -5.03
CA ALA A 263 -15.36 0.95 -6.49
C ALA A 263 -14.40 -0.22 -6.71
N PHE A 264 -13.27 -0.20 -5.99
CA PHE A 264 -12.27 -1.24 -6.15
C PHE A 264 -12.69 -2.54 -5.44
N ILE A 265 -13.08 -2.42 -4.17
CA ILE A 265 -13.45 -3.62 -3.42
C ILE A 265 -14.68 -4.29 -4.11
N SER A 266 -15.63 -3.51 -4.64
CA SER A 266 -16.81 -4.12 -5.32
C SER A 266 -16.38 -4.98 -6.55
N VAL A 267 -15.42 -4.47 -7.33
CA VAL A 267 -14.94 -5.23 -8.49
C VAL A 267 -14.17 -6.43 -7.95
N ALA A 268 -13.31 -6.26 -6.97
CA ALA A 268 -12.50 -7.42 -6.43
C ALA A 268 -13.46 -8.52 -5.91
N ALA A 269 -14.56 -8.11 -5.28
CA ALA A 269 -15.57 -9.06 -4.81
C ALA A 269 -16.19 -9.81 -6.02
N ASN A 270 -16.57 -9.03 -7.04
CA ASN A 270 -17.30 -9.60 -8.20
C ASN A 270 -16.44 -10.59 -9.01
N ILE A 271 -15.12 -10.37 -9.15
CA ILE A 271 -14.28 -11.28 -9.93
C ILE A 271 -13.61 -12.36 -9.06
N SER A 272 -13.90 -12.36 -7.77
CA SER A 272 -13.18 -13.24 -6.86
C SER A 272 -13.65 -14.69 -7.06
N SER A 273 -12.76 -15.62 -6.90
CA SER A 273 -13.12 -17.02 -6.82
C SER A 273 -13.33 -17.50 -5.37
N LEU A 274 -13.21 -16.61 -4.39
CA LEU A 274 -13.28 -17.03 -3.02
C LEU A 274 -14.75 -17.21 -2.59
N PRO A 275 -15.01 -18.18 -1.77
CA PRO A 275 -16.39 -18.32 -1.21
C PRO A 275 -16.69 -17.27 -0.14
N ASN A 276 -17.94 -16.89 0.00
CA ASN A 276 -18.35 -16.04 1.13
C ASN A 276 -17.53 -14.77 1.25
N TYR A 277 -17.36 -14.07 0.14
CA TYR A 277 -16.41 -12.95 0.09
C TYR A 277 -16.83 -11.87 1.09
N THR A 278 -18.15 -11.60 1.21
CA THR A 278 -18.57 -10.46 2.04
C THR A 278 -18.45 -10.70 3.55
N GLU A 279 -18.06 -11.91 3.91
CA GLU A 279 -17.72 -12.23 5.29
C GLU A 279 -16.29 -11.84 5.63
N LEU A 280 -15.48 -11.56 4.63
CA LEU A 280 -14.08 -11.23 4.89
C LEU A 280 -13.96 -9.87 5.64
N TYR A 281 -12.87 -9.67 6.41
CA TYR A 281 -12.66 -8.41 7.07
C TYR A 281 -11.62 -7.60 6.26
N LEU A 282 -11.95 -6.35 5.99
CA LEU A 282 -10.97 -5.38 5.38
C LEU A 282 -10.04 -5.00 6.51
N GLU A 283 -8.82 -5.56 6.53
CA GLU A 283 -7.94 -5.38 7.73
C GLU A 283 -7.37 -3.96 7.81
N ASP A 284 -6.97 -3.43 6.65
CA ASP A 284 -6.07 -2.23 6.64
C ASP A 284 -6.09 -1.53 5.30
N VAL A 285 -5.45 -0.35 5.26
CA VAL A 285 -5.19 0.35 4.03
C VAL A 285 -3.71 0.74 4.11
N GLU A 286 -2.88 0.15 3.22
CA GLU A 286 -1.44 0.38 3.23
C GLU A 286 -1.11 1.23 1.99
N ILE A 287 -0.13 2.13 2.10
CA ILE A 287 0.25 3.03 1.02
C ILE A 287 1.76 3.01 0.96
N GLY A 288 2.35 2.62 -0.20
CA GLY A 288 3.80 2.51 -0.30
C GLY A 288 4.27 2.25 -1.71
N THR A 289 5.58 2.00 -1.86
CA THR A 289 6.14 1.79 -3.19
C THR A 289 6.77 0.47 -3.24
N GLU A 290 6.22 -0.44 -4.03
CA GLU A 290 7.00 -1.68 -4.34
C GLU A 290 8.08 -1.23 -5.31
N PHE A 291 9.22 -1.91 -5.26
CA PHE A 291 10.29 -1.52 -6.18
C PHE A 291 11.11 -2.74 -6.53
N GLY A 292 11.84 -2.65 -7.65
CA GLY A 292 12.87 -3.61 -8.01
C GLY A 292 12.32 -4.78 -8.80
N THR A 293 13.24 -5.49 -9.44
CA THR A 293 12.98 -6.74 -10.14
C THR A 293 14.13 -7.67 -9.84
N PRO A 294 14.06 -8.95 -10.27
CA PRO A 294 15.18 -9.87 -9.96
C PRO A 294 16.50 -9.42 -10.56
N SER A 295 16.47 -8.56 -11.56
N SER A 295 16.44 -8.56 -11.57
CA SER A 295 17.76 -8.09 -12.13
CA SER A 295 17.69 -8.05 -12.20
C SER A 295 18.10 -6.65 -11.75
C SER A 295 18.29 -6.82 -11.49
N THR A 296 17.48 -6.14 -10.70
CA THR A 296 17.88 -4.82 -10.15
C THR A 296 18.86 -5.11 -9.00
N THR A 297 20.08 -4.53 -9.09
CA THR A 297 21.03 -4.68 -8.02
C THR A 297 21.25 -3.36 -7.27
N SER A 298 20.74 -2.25 -7.82
N SER A 298 20.79 -2.26 -7.83
CA SER A 298 20.89 -0.91 -7.23
CA SER A 298 20.89 -0.97 -7.15
C SER A 298 19.52 -0.22 -7.22
C SER A 298 19.47 -0.38 -7.16
N ALA A 299 19.09 0.29 -6.06
CA ALA A 299 17.75 0.87 -5.95
C ALA A 299 17.83 2.16 -5.11
N HIS A 300 17.83 3.30 -5.81
CA HIS A 300 17.81 4.60 -5.19
C HIS A 300 16.49 5.22 -5.47
N LEU A 301 15.86 5.72 -4.43
CA LEU A 301 14.46 6.17 -4.52
C LEU A 301 14.21 7.15 -3.37
N GLU A 302 13.40 8.17 -3.64
N GLU A 302 13.54 8.28 -3.66
CA GLU A 302 13.02 9.06 -2.63
CA GLU A 302 12.95 9.08 -2.62
C GLU A 302 11.54 9.42 -2.86
C GLU A 302 11.47 9.29 -2.86
N TRP A 303 10.72 9.50 -1.78
CA TRP A 303 9.38 10.00 -1.94
C TRP A 303 8.91 10.74 -0.72
N TRP A 304 7.77 11.40 -0.85
CA TRP A 304 7.19 12.20 0.24
C TRP A 304 5.71 12.00 0.22
N ILE A 305 5.12 12.01 1.41
CA ILE A 305 3.64 12.01 1.56
C ILE A 305 3.33 13.11 2.51
N THR A 306 2.48 14.09 2.12
CA THR A 306 2.14 15.18 2.98
C THR A 306 0.79 15.03 3.61
N ASN A 307 -0.09 14.17 3.04
N ASN A 307 -0.08 14.20 3.02
CA ASN A 307 -1.40 14.07 3.68
CA ASN A 307 -1.45 14.08 3.58
C ASN A 307 -2.04 12.74 3.26
C ASN A 307 -2.04 12.72 3.24
N ILE A 308 -2.69 12.07 4.21
CA ILE A 308 -3.53 10.88 3.91
C ILE A 308 -4.78 11.22 4.66
N THR A 309 -5.91 11.17 3.98
CA THR A 309 -7.23 11.37 4.61
C THR A 309 -8.15 10.26 4.17
N LEU A 310 -8.84 9.68 5.16
CA LEU A 310 -9.94 8.77 4.91
C LEU A 310 -11.24 9.44 5.24
N THR A 311 -12.17 9.49 4.28
CA THR A 311 -13.44 10.23 4.43
C THR A 311 -14.61 9.25 4.32
N PRO A 312 -15.35 8.98 5.43
CA PRO A 312 -16.49 8.04 5.34
C PRO A 312 -17.65 8.62 4.52
N LEU A 313 -18.31 7.74 3.76
CA LEU A 313 -19.46 8.09 2.97
C LEU A 313 -20.69 7.45 3.52
N ASP A 314 -21.86 7.91 3.15
CA ASP A 314 -23.01 7.34 3.86
C ASP A 314 -23.64 6.30 2.96
N ARG A 315 -22.90 5.24 2.65
CA ARG A 315 -23.31 4.23 1.66
C ARG A 315 -22.44 2.98 1.86
N PRO A 316 -22.94 1.79 1.49
CA PRO A 316 -22.15 0.57 1.73
C PRO A 316 -20.90 0.55 0.87
N LEU A 317 -19.87 -0.11 1.40
CA LEU A 317 -18.61 -0.31 0.67
C LEU A 317 -18.86 -1.10 -0.63
N ILE A 318 -19.61 -2.20 -0.50
CA ILE A 318 -19.87 -3.05 -1.66
C ILE A 318 -21.19 -2.71 -2.27
N SER A 319 -21.13 -2.34 -3.55
CA SER A 319 -22.33 -2.25 -4.40
C SER A 319 -22.14 -2.75 -5.84
#